data_6J6P
#
_entry.id   6J6P
#
_cell.length_a   55.828
_cell.length_b   55.828
_cell.length_c   131.552
_cell.angle_alpha   90.000
_cell.angle_beta   90.000
_cell.angle_gamma   120.000
#
_symmetry.space_group_name_H-M   'P 31 2 1'
#
loop_
_entity.id
_entity.type
_entity.pdbx_description
1 polymer 'Ryanodine receptor'
2 non-polymer '4-(2-HYDROXYETHYL)-1-PIPERAZINE ETHANESULFONIC ACID'
3 non-polymer 'CHLORIDE ION'
4 non-polymer GLYCEROL
5 water water
#
_entity_poly.entity_id   1
_entity_poly.type   'polypeptide(L)'
_entity_poly.pdbx_seq_one_letter_code
;SNANPQYNPQPINTSSVALNNDLNTIVQKFSEHYHDAWASRKIENSWVYGENWSDSQKAHPRLKPYNMLNDYEKERYKEP
VRESLKALLAIGWSVEHSEVDIPSTNRSSMRRQDKSGGRPVDVVTDSATPFNYNPHPVDMTNLTLSREMQNMAERLAENA
HDIWAKKKKEELTVNGGGIHPQLVPYDLLTAAEKAKDRERSQEFLKYLQYQGYKLHRP
;
_entity_poly.pdbx_strand_id   A
#
loop_
_chem_comp.id
_chem_comp.type
_chem_comp.name
_chem_comp.formula
CL non-polymer 'CHLORIDE ION' 'Cl -1'
EPE non-polymer '4-(2-HYDROXYETHYL)-1-PIPERAZINE ETHANESULFONIC ACID' 'C8 H18 N2 O4 S'
GOL non-polymer GLYCEROL 'C3 H8 O3'
#
# COMPACT_ATOMS: atom_id res chain seq x y z
N GLN A 6 6.84 17.02 -21.21
CA GLN A 6 5.54 16.47 -20.82
C GLN A 6 5.56 15.74 -19.44
N TYR A 7 5.24 14.46 -19.48
CA TYR A 7 5.43 13.55 -18.33
C TYR A 7 5.85 12.21 -18.88
N ASN A 8 7.04 11.78 -18.47
CA ASN A 8 7.68 10.53 -18.89
C ASN A 8 7.94 9.74 -17.61
N PRO A 9 6.96 8.97 -17.14
CA PRO A 9 7.18 8.23 -15.86
C PRO A 9 8.28 7.20 -16.02
N GLN A 10 9.26 7.25 -15.11
CA GLN A 10 10.38 6.30 -15.16
C GLN A 10 10.62 5.84 -13.73
N PRO A 11 9.98 4.74 -13.33
CA PRO A 11 10.19 4.17 -11.99
C PRO A 11 11.66 3.95 -11.72
N ILE A 12 11.95 3.90 -10.43
CA ILE A 12 13.29 3.53 -9.97
C ILE A 12 13.70 2.19 -10.58
N ASN A 13 14.96 2.18 -11.08
CA ASN A 13 15.54 0.96 -11.67
C ASN A 13 15.92 -0.03 -10.58
N THR A 14 15.21 -1.14 -10.52
CA THR A 14 15.46 -2.15 -9.48
C THR A 14 16.28 -3.33 -10.00
N SER A 15 17.03 -3.15 -11.09
CA SER A 15 17.93 -4.21 -11.59
C SER A 15 18.68 -4.88 -10.46
N SER A 16 18.68 -6.23 -10.49
CA SER A 16 19.43 -7.12 -9.60
C SER A 16 18.83 -7.28 -8.21
N VAL A 17 17.88 -6.39 -7.84
CA VAL A 17 17.41 -6.46 -6.46
C VAL A 17 16.42 -7.61 -6.35
N ALA A 18 16.69 -8.53 -5.42
CA ALA A 18 15.79 -9.65 -5.16
C ALA A 18 15.58 -9.77 -3.66
N LEU A 19 14.34 -9.92 -3.23
CA LEU A 19 14.13 -10.01 -1.78
C LEU A 19 14.50 -11.39 -1.25
N ASN A 20 15.22 -11.41 -0.13
CA ASN A 20 15.47 -12.67 0.54
C ASN A 20 14.28 -13.11 1.39
N ASN A 21 14.42 -14.25 2.08
CA ASN A 21 13.27 -14.78 2.80
C ASN A 21 12.85 -13.84 3.93
N ASP A 22 13.82 -13.21 4.59
CA ASP A 22 13.51 -12.27 5.67
C ASP A 22 12.68 -11.09 5.13
N LEU A 23 13.11 -10.49 4.04
CA LEU A 23 12.34 -9.35 3.56
C LEU A 23 11.02 -9.77 2.90
N ASN A 24 10.95 -10.96 2.30
CA ASN A 24 9.63 -11.44 1.83
C ASN A 24 8.69 -11.63 3.01
N THR A 25 9.23 -12.11 4.13
CA THR A 25 8.41 -12.30 5.33
C THR A 25 7.87 -10.97 5.83
N ILE A 26 8.71 -9.91 5.83
CA ILE A 26 8.20 -8.63 6.33
C ILE A 26 7.16 -8.07 5.36
N VAL A 27 7.33 -8.28 4.08
CA VAL A 27 6.29 -7.90 3.13
C VAL A 27 4.98 -8.63 3.41
N GLN A 28 5.04 -9.94 3.71
CA GLN A 28 3.84 -10.71 4.02
C GLN A 28 3.17 -10.18 5.29
N LYS A 29 3.98 -9.93 6.33
CA LYS A 29 3.42 -9.51 7.61
C LYS A 29 2.84 -8.11 7.50
N PHE A 30 3.52 -7.20 6.80
CA PHE A 30 2.92 -5.87 6.60
C PHE A 30 1.63 -5.94 5.79
N SER A 31 1.61 -6.79 4.72
CA SER A 31 0.42 -6.88 3.89
C SER A 31 -0.80 -7.31 4.70
N GLU A 32 -0.63 -8.29 5.57
CA GLU A 32 -1.70 -8.71 6.44
C GLU A 32 -2.08 -7.59 7.41
N HIS A 33 -1.06 -6.98 8.04
CA HIS A 33 -1.36 -5.83 8.90
C HIS A 33 -2.14 -4.75 8.16
N TYR A 34 -1.68 -4.37 6.95
CA TYR A 34 -2.29 -3.26 6.24
C TYR A 34 -3.70 -3.61 5.75
N HIS A 35 -3.90 -4.87 5.34
CA HIS A 35 -5.25 -5.28 5.03
C HIS A 35 -6.19 -5.04 6.23
N ASP A 36 -5.78 -5.47 7.41
CA ASP A 36 -6.64 -5.24 8.58
C ASP A 36 -6.82 -3.74 8.86
N ALA A 37 -5.77 -2.92 8.66
CA ALA A 37 -5.94 -1.49 8.85
C ALA A 37 -6.89 -0.90 7.80
N TRP A 38 -6.79 -1.37 6.55
CA TRP A 38 -7.69 -0.92 5.50
C TRP A 38 -9.13 -1.32 5.81
N ALA A 39 -9.33 -2.59 6.22
CA ALA A 39 -10.68 -3.06 6.51
C ALA A 39 -11.26 -2.28 7.67
N SER A 40 -10.42 -2.02 8.70
CA SER A 40 -10.91 -1.26 9.87
C SER A 40 -11.39 0.12 9.44
N ARG A 41 -10.64 0.78 8.57
CA ARG A 41 -11.06 2.09 8.07
C ARG A 41 -12.32 2.01 7.22
N LYS A 42 -12.44 1.02 6.33
CA LYS A 42 -13.63 0.95 5.50
C LYS A 42 -14.87 0.70 6.36
N ILE A 43 -14.74 -0.19 7.34
CA ILE A 43 -15.87 -0.47 8.21
C ILE A 43 -16.24 0.78 9.04
N GLU A 44 -15.23 1.52 9.51
CA GLU A 44 -15.53 2.75 10.24
C GLU A 44 -16.31 3.73 9.37
N ASN A 45 -16.10 3.68 8.05
CA ASN A 45 -16.75 4.54 7.07
C ASN A 45 -17.98 3.91 6.43
N SER A 46 -18.58 2.89 7.10
CA SER A 46 -19.88 2.30 6.83
C SER A 46 -19.88 1.41 5.59
N TRP A 47 -18.70 1.00 5.14
CA TRP A 47 -18.69 -0.06 4.13
C TRP A 47 -19.05 -1.43 4.69
N VAL A 48 -19.60 -2.28 3.81
CA VAL A 48 -19.98 -3.65 4.13
C VAL A 48 -19.38 -4.57 3.06
N TYR A 49 -19.26 -5.85 3.41
CA TYR A 49 -18.91 -6.86 2.42
C TYR A 49 -20.03 -7.02 1.40
N GLY A 50 -19.66 -7.22 0.14
CA GLY A 50 -20.63 -7.58 -0.88
C GLY A 50 -19.84 -8.34 -1.94
N GLU A 51 -20.54 -9.18 -2.71
CA GLU A 51 -19.83 -10.03 -3.67
C GLU A 51 -19.25 -9.23 -4.81
N ASN A 52 -19.88 -8.11 -5.13
CA ASN A 52 -19.42 -7.25 -6.20
C ASN A 52 -19.18 -5.86 -5.65
N TRP A 53 -18.05 -5.30 -6.05
CA TRP A 53 -17.68 -3.97 -5.59
C TRP A 53 -18.68 -2.95 -6.10
N SER A 54 -19.12 -2.07 -5.21
CA SER A 54 -20.03 -1.00 -5.62
C SER A 54 -19.58 0.24 -4.86
N ASP A 55 -19.12 1.26 -5.59
CA ASP A 55 -18.82 2.55 -4.96
C ASP A 55 -20.08 3.18 -4.40
N SER A 56 -21.17 3.12 -5.16
CA SER A 56 -22.41 3.78 -4.76
C SER A 56 -22.97 3.17 -3.49
N GLN A 57 -23.01 1.84 -3.41
CA GLN A 57 -23.56 1.11 -2.29
C GLN A 57 -22.55 0.81 -1.19
N LYS A 58 -21.29 1.24 -1.35
CA LYS A 58 -20.26 1.00 -0.33
C LYS A 58 -20.20 -0.48 0.08
N ALA A 59 -20.07 -1.34 -0.93
CA ALA A 59 -19.94 -2.80 -0.76
C ALA A 59 -18.63 -3.22 -1.39
N HIS A 60 -17.85 -4.01 -0.67
CA HIS A 60 -16.49 -4.31 -1.10
C HIS A 60 -16.20 -5.79 -0.89
N PRO A 61 -15.87 -6.53 -1.96
CA PRO A 61 -15.63 -7.97 -1.81
C PRO A 61 -14.39 -8.29 -1.04
N ARG A 62 -13.47 -7.33 -0.86
CA ARG A 62 -12.25 -7.61 -0.14
C ARG A 62 -12.41 -7.45 1.37
N LEU A 63 -13.63 -7.14 1.81
N LEU A 63 -13.60 -7.09 1.82
CA LEU A 63 -13.92 -6.95 3.23
CA LEU A 63 -13.85 -6.92 3.26
C LEU A 63 -14.14 -8.32 3.88
C LEU A 63 -14.12 -8.30 3.88
N LYS A 64 -13.06 -9.07 4.02
CA LYS A 64 -13.03 -10.38 4.63
C LYS A 64 -11.74 -10.51 5.43
N PRO A 65 -11.67 -11.46 6.36
CA PRO A 65 -10.38 -11.84 6.92
C PRO A 65 -9.33 -12.14 5.83
N TYR A 66 -8.09 -11.80 6.16
CA TYR A 66 -6.99 -11.97 5.22
C TYR A 66 -6.89 -13.39 4.69
N ASN A 67 -7.15 -14.39 5.55
CA ASN A 67 -6.98 -15.74 5.06
C ASN A 67 -8.10 -16.17 4.14
N MET A 68 -9.14 -15.38 3.98
CA MET A 68 -10.18 -15.68 3.00
C MET A 68 -9.97 -14.94 1.68
N LEU A 69 -8.88 -14.18 1.52
CA LEU A 69 -8.59 -13.44 0.30
C LEU A 69 -7.96 -14.40 -0.72
N ASN A 70 -8.24 -14.13 -2.00
CA ASN A 70 -7.56 -14.87 -3.06
C ASN A 70 -6.19 -14.25 -3.28
N ASP A 71 -5.41 -14.85 -4.17
CA ASP A 71 -4.04 -14.36 -4.32
C ASP A 71 -4.00 -12.99 -5.00
N TYR A 72 -4.93 -12.72 -5.91
CA TYR A 72 -5.10 -11.41 -6.51
C TYR A 72 -5.29 -10.36 -5.42
N GLU A 73 -6.16 -10.66 -4.46
CA GLU A 73 -6.48 -9.68 -3.41
C GLU A 73 -5.26 -9.46 -2.52
N LYS A 74 -4.58 -10.55 -2.12
CA LYS A 74 -3.39 -10.40 -1.26
C LYS A 74 -2.33 -9.61 -1.98
N GLU A 75 -2.19 -9.84 -3.30
CA GLU A 75 -1.19 -9.09 -4.05
C GLU A 75 -1.51 -7.60 -4.20
N ARG A 76 -2.75 -7.16 -4.00
CA ARG A 76 -3.05 -5.74 -4.01
C ARG A 76 -2.22 -5.04 -2.97
N TYR A 77 -1.94 -5.77 -1.91
CA TYR A 77 -1.06 -5.25 -0.88
C TYR A 77 0.36 -5.59 -1.15
N LYS A 78 0.64 -6.86 -1.46
CA LYS A 78 2.02 -7.30 -1.47
C LYS A 78 2.80 -6.64 -2.62
N GLU A 79 2.17 -6.51 -3.79
CA GLU A 79 2.90 -5.98 -4.94
C GLU A 79 3.47 -4.59 -4.70
N PRO A 80 2.67 -3.57 -4.35
CA PRO A 80 3.28 -2.25 -4.16
C PRO A 80 4.26 -2.21 -3.00
N VAL A 81 4.02 -3.00 -1.94
CA VAL A 81 4.93 -3.02 -0.81
C VAL A 81 6.27 -3.58 -1.23
N ARG A 82 6.23 -4.71 -1.96
CA ARG A 82 7.46 -5.36 -2.43
C ARG A 82 8.20 -4.40 -3.34
N GLU A 83 7.48 -3.74 -4.22
CA GLU A 83 8.16 -2.82 -5.13
C GLU A 83 8.79 -1.66 -4.38
N SER A 84 8.11 -1.13 -3.34
CA SER A 84 8.69 -0.02 -2.59
C SER A 84 9.95 -0.47 -1.84
N LEU A 85 9.96 -1.72 -1.32
CA LEU A 85 11.16 -2.22 -0.66
C LEU A 85 12.28 -2.43 -1.66
N LYS A 86 11.96 -2.97 -2.85
CA LYS A 86 13.02 -3.11 -3.86
C LYS A 86 13.56 -1.76 -4.29
N ALA A 87 12.70 -0.75 -4.43
CA ALA A 87 13.18 0.57 -4.83
C ALA A 87 14.11 1.16 -3.79
N LEU A 88 13.79 1.03 -2.49
CA LEU A 88 14.67 1.49 -1.44
C LEU A 88 16.04 0.85 -1.51
N LEU A 89 16.07 -0.46 -1.73
CA LEU A 89 17.36 -1.15 -1.81
C LEU A 89 18.13 -0.71 -3.06
N ALA A 90 17.38 -0.54 -4.17
CA ALA A 90 17.98 -0.18 -5.45
C ALA A 90 18.74 1.12 -5.35
N ILE A 91 18.23 2.13 -4.61
CA ILE A 91 18.89 3.41 -4.52
C ILE A 91 19.90 3.46 -3.39
N GLY A 92 20.16 2.29 -2.78
CA GLY A 92 21.32 2.19 -1.91
C GLY A 92 21.05 2.21 -0.42
N TRP A 93 19.80 2.25 -0.01
CA TRP A 93 19.50 2.12 1.41
C TRP A 93 19.77 0.70 1.88
N SER A 94 20.22 0.56 3.14
CA SER A 94 20.31 -0.78 3.68
C SER A 94 19.20 -0.98 4.68
N VAL A 95 18.79 -2.23 4.82
CA VAL A 95 17.68 -2.61 5.65
C VAL A 95 18.24 -3.62 6.66
N GLU A 96 18.37 -3.21 7.91
CA GLU A 96 18.99 -4.05 8.93
C GLU A 96 17.89 -4.63 9.81
N HIS A 97 17.78 -5.95 9.85
CA HIS A 97 16.85 -6.61 10.77
C HIS A 97 17.63 -6.91 12.03
N SER A 98 17.75 -5.89 12.87
CA SER A 98 18.56 -5.91 14.08
C SER A 98 18.14 -4.69 14.89
N PRO A 120 -15.42 -4.49 23.94
CA PRO A 120 -16.35 -5.51 23.42
C PRO A 120 -16.49 -5.44 21.91
N VAL A 121 -16.91 -6.56 21.29
CA VAL A 121 -17.22 -6.57 19.86
C VAL A 121 -18.41 -5.66 19.63
N ASP A 122 -18.21 -4.60 18.85
CA ASP A 122 -19.32 -3.70 18.54
C ASP A 122 -20.23 -4.37 17.53
N VAL A 123 -21.53 -4.32 17.79
CA VAL A 123 -22.49 -5.04 16.96
C VAL A 123 -22.51 -4.47 15.54
N VAL A 124 -22.46 -3.15 15.42
CA VAL A 124 -22.54 -2.55 14.09
C VAL A 124 -21.24 -2.79 13.32
N THR A 125 -20.10 -2.84 14.02
CA THR A 125 -18.87 -3.28 13.37
C THR A 125 -19.00 -4.71 12.86
N ASP A 126 -19.46 -5.64 13.71
CA ASP A 126 -19.58 -7.03 13.28
C ASP A 126 -20.57 -7.21 12.14
N SER A 127 -21.60 -6.34 12.07
CA SER A 127 -22.60 -6.50 11.02
C SER A 127 -22.09 -6.08 9.65
N ALA A 128 -20.84 -5.58 9.57
CA ALA A 128 -20.32 -5.14 8.28
C ALA A 128 -20.02 -6.31 7.36
N THR A 129 -19.80 -7.50 7.90
CA THR A 129 -19.48 -8.66 7.08
C THR A 129 -20.12 -9.90 7.70
N PRO A 130 -20.34 -10.94 6.91
CA PRO A 130 -20.83 -12.21 7.48
C PRO A 130 -19.73 -13.12 8.00
N PHE A 131 -18.51 -12.59 8.20
CA PHE A 131 -17.38 -13.46 8.48
C PHE A 131 -16.82 -13.27 9.88
N ASN A 132 -17.61 -12.72 10.79
CA ASN A 132 -17.16 -12.57 12.19
C ASN A 132 -15.79 -11.92 12.28
N TYR A 133 -15.67 -10.80 11.56
CA TYR A 133 -14.37 -10.20 11.29
C TYR A 133 -14.33 -8.83 11.96
N ASN A 134 -13.47 -8.73 12.98
CA ASN A 134 -13.31 -7.47 13.70
C ASN A 134 -11.83 -7.16 13.66
N PRO A 135 -11.37 -6.49 12.62
CA PRO A 135 -9.92 -6.33 12.47
C PRO A 135 -9.36 -5.48 13.60
N HIS A 136 -8.27 -5.95 14.18
CA HIS A 136 -7.62 -5.23 15.27
C HIS A 136 -6.12 -5.18 15.00
N PRO A 137 -5.72 -4.42 13.98
CA PRO A 137 -4.29 -4.30 13.67
C PRO A 137 -3.58 -3.51 14.77
N VAL A 138 -2.27 -3.73 14.88
N VAL A 138 -2.26 -3.72 14.84
CA VAL A 138 -1.49 -2.90 15.79
CA VAL A 138 -1.45 -2.87 15.72
C VAL A 138 -1.57 -1.47 15.31
C VAL A 138 -1.64 -1.45 15.29
N ASP A 139 -1.69 -0.56 16.28
CA ASP A 139 -1.96 0.84 16.03
C ASP A 139 -0.64 1.57 16.05
N MET A 140 -0.19 2.02 14.89
CA MET A 140 1.06 2.73 14.90
C MET A 140 0.89 4.25 14.82
N THR A 141 -0.30 4.75 15.15
CA THR A 141 -0.50 6.20 15.20
C THR A 141 0.35 6.85 16.30
N ASN A 142 0.77 6.11 17.33
CA ASN A 142 1.62 6.74 18.32
C ASN A 142 3.10 6.59 17.99
N LEU A 143 3.43 5.88 16.91
CA LEU A 143 4.82 5.89 16.48
C LEU A 143 5.04 7.10 15.61
N THR A 144 6.25 7.65 15.67
CA THR A 144 6.58 8.79 14.82
C THR A 144 7.60 8.40 13.76
N LEU A 145 7.64 9.20 12.70
CA LEU A 145 8.63 9.10 11.63
C LEU A 145 9.51 10.34 11.63
N SER A 146 10.84 10.15 11.54
CA SER A 146 11.69 11.31 11.33
C SER A 146 11.32 12.06 10.05
N ARG A 147 11.75 13.32 9.99
CA ARG A 147 11.56 14.08 8.76
C ARG A 147 12.21 13.34 7.60
N GLU A 148 13.39 12.75 7.84
CA GLU A 148 14.03 12.00 6.75
C GLU A 148 13.14 10.85 6.24
N MET A 149 12.50 10.11 7.13
CA MET A 149 11.62 9.03 6.69
C MET A 149 10.34 9.54 6.05
N GLN A 150 9.82 10.66 6.51
CA GLN A 150 8.70 11.28 5.79
C GLN A 150 9.08 11.61 4.36
N ASN A 151 10.29 12.17 4.17
CA ASN A 151 10.78 12.42 2.82
C ASN A 151 10.89 11.12 2.01
N MET A 152 11.36 10.04 2.65
CA MET A 152 11.47 8.78 1.94
C MET A 152 10.09 8.25 1.57
N ALA A 153 9.07 8.44 2.43
CA ALA A 153 7.76 7.94 2.07
C ALA A 153 7.21 8.69 0.86
N GLU A 154 7.52 9.98 0.76
CA GLU A 154 7.10 10.72 -0.42
C GLU A 154 7.81 10.22 -1.66
N ARG A 155 9.11 9.87 -1.54
N ARG A 155 9.10 9.88 -1.51
CA ARG A 155 9.80 9.35 -2.73
CA ARG A 155 9.87 9.35 -2.64
C ARG A 155 9.24 8.01 -3.17
C ARG A 155 9.28 8.04 -3.14
N LEU A 156 8.91 7.16 -2.20
CA LEU A 156 8.35 5.87 -2.55
C LEU A 156 6.94 6.00 -3.13
N ALA A 157 6.13 6.91 -2.56
CA ALA A 157 4.80 7.17 -3.13
C ALA A 157 4.89 7.71 -4.55
N GLU A 158 5.83 8.65 -4.79
CA GLU A 158 6.05 9.11 -6.16
C GLU A 158 6.42 7.92 -7.06
N ASN A 159 7.28 7.02 -6.56
CA ASN A 159 7.63 5.88 -7.38
C ASN A 159 6.44 4.97 -7.66
N ALA A 160 5.56 4.73 -6.65
CA ALA A 160 4.35 3.97 -6.89
C ALA A 160 3.51 4.63 -7.99
N HIS A 161 3.37 5.96 -7.90
CA HIS A 161 2.65 6.72 -8.95
C HIS A 161 3.29 6.52 -10.33
N ASP A 162 4.62 6.58 -10.41
CA ASP A 162 5.30 6.38 -11.69
C ASP A 162 5.13 4.97 -12.21
N ILE A 163 5.12 3.97 -11.32
CA ILE A 163 4.87 2.62 -11.74
C ILE A 163 3.47 2.49 -12.34
N TRP A 164 2.48 3.04 -11.63
CA TRP A 164 1.13 3.06 -12.16
C TRP A 164 1.05 3.79 -13.49
N ALA A 165 1.70 4.93 -13.58
CA ALA A 165 1.57 5.81 -14.77
C ALA A 165 2.24 5.14 -15.97
N LYS A 166 3.40 4.51 -15.76
CA LYS A 166 4.04 3.84 -16.90
C LYS A 166 3.15 2.73 -17.42
N LYS A 167 2.55 1.96 -16.52
CA LYS A 167 1.66 0.86 -16.92
C LYS A 167 0.43 1.42 -17.62
N LYS A 168 -0.07 2.55 -17.13
CA LYS A 168 -1.29 3.10 -17.72
C LYS A 168 -1.01 3.62 -19.11
N LYS A 169 0.11 4.30 -19.27
CA LYS A 169 0.48 4.80 -20.61
C LYS A 169 0.65 3.65 -21.59
N GLU A 170 1.26 2.56 -21.13
CA GLU A 170 1.43 1.39 -22.00
C GLU A 170 0.07 0.86 -22.44
N GLU A 171 -0.85 0.72 -21.48
CA GLU A 171 -2.18 0.23 -21.75
C GLU A 171 -2.87 1.13 -22.78
N LEU A 172 -2.83 2.43 -22.54
CA LEU A 172 -3.52 3.33 -23.47
C LEU A 172 -2.90 3.24 -24.86
N THR A 173 -1.56 3.21 -24.92
CA THR A 173 -0.87 3.24 -26.21
C THR A 173 -1.14 1.99 -27.01
N VAL A 174 -1.12 0.83 -26.37
CA VAL A 174 -1.35 -0.39 -27.15
C VAL A 174 -2.80 -0.47 -27.62
N ASN A 175 -3.73 0.22 -26.95
CA ASN A 175 -5.11 0.22 -27.39
C ASN A 175 -5.43 1.38 -28.33
N GLY A 176 -4.40 2.03 -28.84
CA GLY A 176 -4.54 3.06 -29.86
C GLY A 176 -4.62 4.50 -29.38
N GLY A 177 -4.35 4.75 -28.11
CA GLY A 177 -4.34 6.11 -27.60
C GLY A 177 -5.41 6.37 -26.57
N GLY A 178 -5.23 7.48 -25.85
CA GLY A 178 -6.26 7.90 -24.94
C GLY A 178 -5.62 8.76 -23.87
N ILE A 179 -6.43 9.13 -22.89
CA ILE A 179 -5.98 10.05 -21.85
C ILE A 179 -6.40 9.51 -20.50
N HIS A 180 -5.77 10.05 -19.47
CA HIS A 180 -6.19 9.74 -18.12
C HIS A 180 -5.84 10.96 -17.27
N PRO A 181 -6.77 11.48 -16.45
CA PRO A 181 -6.49 12.72 -15.74
C PRO A 181 -5.37 12.61 -14.72
N GLN A 182 -5.01 11.42 -14.24
CA GLN A 182 -3.91 11.37 -13.31
C GLN A 182 -2.57 11.09 -13.99
N LEU A 183 -2.47 11.14 -15.32
CA LEU A 183 -1.16 11.05 -15.99
C LEU A 183 -0.47 12.40 -16.01
N VAL A 184 -0.02 12.80 -14.83
CA VAL A 184 0.74 13.99 -14.56
C VAL A 184 1.81 13.59 -13.55
N PRO A 185 2.89 14.37 -13.45
CA PRO A 185 3.90 14.10 -12.43
C PRO A 185 3.29 14.10 -11.03
N TYR A 186 3.90 13.32 -10.13
CA TYR A 186 3.42 13.22 -8.75
C TYR A 186 3.21 14.57 -8.11
N ASP A 187 4.12 15.53 -8.36
CA ASP A 187 4.04 16.86 -7.73
C ASP A 187 2.81 17.63 -8.18
N LEU A 188 2.18 17.26 -9.30
CA LEU A 188 0.95 17.91 -9.75
C LEU A 188 -0.31 17.20 -9.28
N LEU A 189 -0.21 16.05 -8.61
CA LEU A 189 -1.40 15.43 -8.05
C LEU A 189 -1.85 16.24 -6.83
N THR A 190 -3.17 16.21 -6.59
CA THR A 190 -3.65 16.72 -5.32
C THR A 190 -3.25 15.80 -4.17
N ALA A 191 -3.32 16.35 -2.94
CA ALA A 191 -3.12 15.50 -1.77
C ALA A 191 -4.06 14.33 -1.77
N ALA A 192 -5.37 14.55 -2.14
CA ALA A 192 -6.28 13.44 -2.11
C ALA A 192 -5.90 12.35 -3.11
N GLU A 193 -5.37 12.76 -4.27
CA GLU A 193 -4.91 11.80 -5.27
C GLU A 193 -3.68 11.01 -4.80
N LYS A 194 -2.86 11.67 -3.96
CA LYS A 194 -1.62 11.06 -3.47
C LYS A 194 -1.86 10.17 -2.26
N ALA A 195 -3.04 10.24 -1.66
CA ALA A 195 -3.22 9.69 -0.32
C ALA A 195 -2.98 8.21 -0.25
N LYS A 196 -3.51 7.43 -1.19
CA LYS A 196 -3.42 5.98 -1.04
C LYS A 196 -1.96 5.53 -1.07
N ASP A 197 -1.17 6.10 -1.97
CA ASP A 197 0.22 5.68 -2.03
C ASP A 197 1.04 6.24 -0.84
N ARG A 198 0.80 7.50 -0.46
CA ARG A 198 1.53 8.10 0.65
C ARG A 198 1.26 7.34 1.94
N GLU A 199 -0.01 7.04 2.19
CA GLU A 199 -0.40 6.37 3.43
C GLU A 199 0.22 4.98 3.50
N ARG A 200 0.27 4.26 2.38
CA ARG A 200 0.86 2.96 2.40
C ARG A 200 2.33 3.01 2.74
N SER A 201 3.04 3.93 2.14
CA SER A 201 4.50 3.98 2.42
C SER A 201 4.79 4.52 3.80
N GLN A 202 4.03 5.50 4.29
CA GLN A 202 4.25 5.96 5.67
C GLN A 202 4.03 4.82 6.64
N GLU A 203 2.92 4.08 6.45
CA GLU A 203 2.63 3.00 7.38
C GLU A 203 3.65 1.88 7.26
N PHE A 204 4.16 1.63 6.05
CA PHE A 204 5.18 0.59 5.92
C PHE A 204 6.46 0.96 6.63
N LEU A 205 6.89 2.20 6.48
CA LEU A 205 8.11 2.63 7.19
C LEU A 205 7.89 2.58 8.71
N LYS A 206 6.71 2.95 9.21
CA LYS A 206 6.43 2.78 10.66
C LYS A 206 6.46 1.31 11.04
N TYR A 207 5.88 0.45 10.21
CA TYR A 207 5.82 -0.97 10.56
C TYR A 207 7.21 -1.61 10.57
N LEU A 208 8.08 -1.22 9.64
CA LEU A 208 9.48 -1.66 9.70
C LEU A 208 10.09 -1.27 11.03
N GLN A 209 9.87 -0.01 11.45
CA GLN A 209 10.35 0.48 12.76
C GLN A 209 9.79 -0.37 13.88
N TYR A 210 8.47 -0.57 13.90
CA TYR A 210 7.82 -1.40 14.91
C TYR A 210 8.43 -2.80 15.01
N GLN A 211 8.76 -3.43 13.86
CA GLN A 211 9.24 -4.80 13.81
C GLN A 211 10.73 -4.90 13.99
N GLY A 212 11.41 -3.81 14.31
CA GLY A 212 12.81 -3.85 14.65
C GLY A 212 13.72 -3.77 13.47
N TYR A 213 13.25 -3.22 12.36
CA TYR A 213 14.14 -2.96 11.25
C TYR A 213 14.71 -1.56 11.35
N LYS A 214 15.96 -1.42 10.91
CA LYS A 214 16.64 -0.12 10.87
C LYS A 214 17.01 0.17 9.42
N LEU A 215 16.57 1.32 8.92
CA LEU A 215 16.88 1.76 7.55
C LEU A 215 18.05 2.71 7.62
N HIS A 216 19.06 2.46 6.80
CA HIS A 216 20.30 3.24 6.83
C HIS A 216 20.47 3.89 5.47
N ARG A 217 20.65 5.21 5.48
CA ARG A 217 20.77 5.95 4.24
C ARG A 217 22.05 5.53 3.50
N PRO A 218 22.09 5.70 2.16
CA PRO A 218 23.30 5.37 1.39
C PRO A 218 24.57 6.01 1.95
N1 EPE B . -9.94 -0.04 -2.67
C2 EPE B . -8.79 -0.36 -2.02
C3 EPE B . -7.70 -0.96 -2.89
N4 EPE B . -8.04 -1.12 -4.21
C5 EPE B . -9.28 -1.69 -4.36
C6 EPE B . -10.38 -0.94 -3.60
C7 EPE B . -7.14 -1.81 -4.81
C8 EPE B . -5.77 -1.13 -4.69
O8 EPE B . -4.99 -1.47 -3.85
C9 EPE B . -10.95 0.35 -1.97
C10 EPE B . -10.69 1.13 -0.65
S EPE B . -9.78 2.69 -0.83
O1S EPE B . -10.02 3.29 -2.33
O2S EPE B . -8.16 2.39 -0.65
O3S EPE B . -10.35 3.76 0.30
CL CL C . 17.07 -16.41 1.92
CL CL D . 0.18 -15.27 2.53
C1 GOL E . -3.57 -1.53 -1.00
O1 GOL E . -2.13 -1.73 -1.19
C2 GOL E . -3.83 -0.28 -0.14
O2 GOL E . -3.19 0.89 -0.61
C3 GOL E . -5.39 -0.15 0.03
O3 GOL E . -5.67 1.14 0.53
C1 GOL F . -4.02 18.03 -12.35
O1 GOL F . -2.83 18.25 -13.01
C2 GOL F . -4.10 16.56 -11.84
O2 GOL F . -4.15 16.48 -10.42
C3 GOL F . -5.34 16.02 -12.46
O3 GOL F . -5.57 14.88 -11.76
C1 GOL G . -3.97 0.76 11.94
O1 GOL G . -3.90 0.22 13.16
C2 GOL G . -2.95 1.94 11.93
O2 GOL G . -1.63 1.59 12.20
C3 GOL G . -3.23 2.72 10.62
O3 GOL G . -2.51 3.91 10.76
C1 GOL H . -22.24 -0.20 -8.74
O1 GOL H . -23.36 -0.63 -8.02
C2 GOL H . -21.94 1.23 -8.27
O2 GOL H . -22.83 2.16 -8.77
C3 GOL H . -20.53 1.51 -8.70
O3 GOL H . -20.37 2.86 -8.49
C1 GOL I . -4.57 5.95 -9.22
O1 GOL I . -5.60 6.19 -10.14
C2 GOL I . -3.46 7.05 -9.39
O2 GOL I . -3.83 8.32 -8.93
C3 GOL I . -2.19 6.46 -8.62
O3 GOL I . -1.12 7.38 -8.79
C1 GOL J . 16.45 6.87 -11.52
O1 GOL J . 15.51 7.02 -10.47
C2 GOL J . 16.44 5.36 -11.91
O2 GOL J . 16.69 4.62 -10.82
C3 GOL J . 17.53 5.18 -13.03
O3 GOL J . 18.77 5.30 -12.40
C1 GOL K . -7.53 4.17 -13.49
O1 GOL K . -8.09 4.81 -12.39
C2 GOL K . -7.40 2.66 -13.17
O2 GOL K . -7.79 1.89 -14.23
C3 GOL K . -5.94 2.46 -12.84
O3 GOL K . -5.57 1.17 -13.23
C1 GOL L . -14.90 5.48 0.83
O1 GOL L . -14.15 4.73 1.78
C2 GOL L . -16.06 6.23 1.59
O2 GOL L . -15.99 5.98 2.95
C3 GOL L . -15.82 7.72 1.29
O3 GOL L . -16.04 8.43 2.49
#